data_5LSN
#
_entry.id   5LSN
#
_entity_poly.entity_id   1
_entity_poly.type   'polyribonucleotide'
_entity_poly.pdbx_seq_one_letter_code
;CCUCGUGGUGGUUGUGAACCACCAUGUGG
;
_entity_poly.pdbx_strand_id   A
#
loop_
_chem_comp.id
_chem_comp.type
_chem_comp.name
_chem_comp.formula
A RNA linking ADENOSINE-5'-MONOPHOSPHATE 'C10 H14 N5 O7 P'
C RNA linking CYTIDINE-5'-MONOPHOSPHATE 'C9 H14 N3 O8 P'
G RNA linking GUANOSINE-5'-MONOPHOSPHATE 'C10 H14 N5 O8 P'
U RNA linking URIDINE-5'-MONOPHOSPHATE 'C9 H13 N2 O9 P'
#